data_6VIB
#
_entry.id   6VIB
#
_cell.length_a   58.330
_cell.length_b   58.330
_cell.length_c   232.040
_cell.angle_alpha   90.000
_cell.angle_beta   90.000
_cell.angle_gamma   120.000
#
_symmetry.space_group_name_H-M   'P 65 2 2'
#
loop_
_entity.id
_entity.type
_entity.pdbx_description
1 polymer '3-hydroxyanthranilate 3,4-dioxygenase'
2 non-polymer 2-AMINO-2-HYDROXYMETHYL-PROPANE-1,3-DIOL
3 non-polymer 'FE (II) ION'
4 non-polymer '(2Z,3Z)-2-[(2Z)-3-hydroxyprop-2-en-1-ylidene]-3-iminobutanedioic acid'
5 water water
#
_entity_poly.entity_id   1
_entity_poly.type   'polypeptide(L)'
_entity_poly.pdbx_seq_one_letter_code
;MGHHHHHHHHHHSSGHIEGRHMLTYGAPFNFPRWIDEHAHLLKPPVGNRQVWQDSDFIVTVVGGPNHRTDYHDDPLEEFF
YQLRGNAYLNLWVDGRRERADLKEGDIFLLPPHVRHSPQRPEAGSACLVIERQRPAGMLDGFEWYCDACGHLVHRVEVQL
KSIVTDLPPLFESFYASEDKRRCPHCGQVHPGRAA
;
_entity_poly.pdbx_strand_id   A
#
loop_
_chem_comp.id
_chem_comp.type
_chem_comp.name
_chem_comp.formula
2FO non-polymer '(2Z,3Z)-2-[(2Z)-3-hydroxyprop-2-en-1-ylidene]-3-iminobutanedioic acid' 'C7 H7 N O5'
FE2 non-polymer 'FE (II) ION' 'Fe 2'
TRS non-polymer 2-AMINO-2-HYDROXYMETHYL-PROPANE-1,3-DIOL 'C4 H12 N O3 1'
#
# COMPACT_ATOMS: atom_id res chain seq x y z
N HIS A 21 -1.41 15.75 -29.72
CA HIS A 21 -0.06 15.22 -30.03
C HIS A 21 0.01 13.67 -29.88
N MET A 22 0.89 13.13 -29.01
CA MET A 22 1.22 11.72 -29.04
C MET A 22 0.44 10.93 -27.99
N LEU A 23 0.09 9.67 -28.30
CA LEU A 23 -0.36 8.71 -27.28
C LEU A 23 0.86 8.23 -26.52
N THR A 24 1.34 9.11 -25.62
CA THR A 24 2.52 8.90 -24.79
C THR A 24 2.48 7.59 -24.01
N TYR A 25 1.28 7.13 -23.62
CA TYR A 25 1.16 5.90 -22.84
C TYR A 25 0.70 4.72 -23.68
N GLY A 26 0.78 4.83 -25.03
CA GLY A 26 0.42 3.71 -25.88
C GLY A 26 -1.08 3.55 -26.11
N ALA A 27 -1.42 2.52 -26.90
CA ALA A 27 -2.77 2.24 -27.33
C ALA A 27 -3.54 1.54 -26.20
N PRO A 28 -4.87 1.49 -26.29
CA PRO A 28 -5.62 0.65 -25.33
C PRO A 28 -5.20 -0.82 -25.46
N PHE A 29 -5.36 -1.59 -24.38
CA PHE A 29 -4.95 -2.99 -24.38
C PHE A 29 -5.82 -3.77 -23.39
N ASN A 30 -5.90 -5.09 -23.60
CA ASN A 30 -6.84 -5.92 -22.82
C ASN A 30 -6.27 -6.11 -21.41
N PHE A 31 -7.07 -5.68 -20.42
CA PHE A 31 -6.55 -5.68 -19.05
C PHE A 31 -6.48 -7.09 -18.48
N PRO A 32 -7.51 -7.94 -18.60
CA PRO A 32 -7.38 -9.29 -18.03
C PRO A 32 -6.17 -10.04 -18.57
N ARG A 33 -5.94 -9.93 -19.86
CA ARG A 33 -4.79 -10.62 -20.41
C ARG A 33 -3.50 -10.02 -19.90
N TRP A 34 -3.43 -8.69 -19.71
CA TRP A 34 -2.25 -8.12 -19.08
C TRP A 34 -2.05 -8.70 -17.68
N ILE A 35 -3.13 -8.84 -16.92
CA ILE A 35 -2.96 -9.31 -15.54
C ILE A 35 -2.46 -10.76 -15.56
N ASP A 36 -3.07 -11.56 -16.42
CA ASP A 36 -2.60 -12.94 -16.66
C ASP A 36 -1.12 -12.95 -16.97
N GLU A 37 -0.72 -12.11 -17.93
CA GLU A 37 0.66 -12.17 -18.35
CA GLU A 37 0.66 -12.11 -18.38
C GLU A 37 1.63 -11.68 -17.28
N HIS A 38 1.17 -10.90 -16.31
CA HIS A 38 2.08 -10.43 -15.28
C HIS A 38 1.85 -11.17 -13.95
N ALA A 39 1.14 -12.29 -13.97
CA ALA A 39 0.86 -13.07 -12.75
C ALA A 39 2.13 -13.39 -11.94
N HIS A 40 3.25 -13.65 -12.62
CA HIS A 40 4.48 -13.99 -11.90
C HIS A 40 5.04 -12.84 -11.09
N LEU A 41 4.68 -11.61 -11.41
CA LEU A 41 5.05 -10.48 -10.55
C LEU A 41 3.97 -10.14 -9.53
N LEU A 42 2.74 -10.67 -9.68
CA LEU A 42 1.67 -10.34 -8.73
C LEU A 42 1.63 -11.36 -7.61
N LYS A 43 2.81 -11.69 -7.11
CA LYS A 43 3.03 -12.70 -6.08
C LYS A 43 4.35 -12.37 -5.41
N PRO A 44 4.60 -12.91 -4.21
CA PRO A 44 5.93 -12.69 -3.60
C PRO A 44 7.09 -13.05 -4.57
N PRO A 45 8.22 -12.32 -4.52
CA PRO A 45 8.53 -11.20 -3.60
C PRO A 45 8.08 -9.78 -4.11
N VAL A 46 7.67 -9.66 -5.38
CA VAL A 46 7.35 -8.35 -5.99
C VAL A 46 5.95 -7.91 -5.59
N GLY A 47 4.92 -8.71 -5.94
CA GLY A 47 3.58 -8.45 -5.41
C GLY A 47 2.71 -7.45 -6.18
N ASN A 48 3.31 -6.41 -6.74
CA ASN A 48 2.54 -5.44 -7.53
C ASN A 48 3.31 -5.01 -8.75
N ARG A 49 2.64 -4.24 -9.61
CA ARG A 49 3.24 -3.84 -10.87
C ARG A 49 2.52 -2.59 -11.33
N GLN A 50 3.28 -1.48 -11.56
CA GLN A 50 2.66 -0.30 -12.13
C GLN A 50 2.41 -0.46 -13.62
N VAL A 51 1.24 -0.02 -14.10
CA VAL A 51 0.85 -0.21 -15.50
C VAL A 51 1.63 0.75 -16.42
N TRP A 52 1.56 2.05 -16.15
CA TRP A 52 2.22 3.02 -17.02
C TRP A 52 3.27 3.75 -16.22
N GLN A 53 4.37 4.12 -16.89
CA GLN A 53 5.43 4.89 -16.26
C GLN A 53 5.32 6.37 -16.60
N ASP A 54 5.76 7.22 -15.64
CA ASP A 54 5.93 8.68 -15.82
C ASP A 54 4.61 9.37 -16.14
N SER A 55 3.52 8.84 -15.60
CA SER A 55 2.22 9.46 -15.76
C SER A 55 1.85 10.10 -14.44
N ASP A 56 0.88 11.02 -14.50
CA ASP A 56 0.35 11.64 -13.31
C ASP A 56 -0.48 10.66 -12.49
N PHE A 57 -1.37 9.94 -13.18
CA PHE A 57 -2.13 8.87 -12.51
CA PHE A 57 -2.12 8.86 -12.54
C PHE A 57 -1.18 7.67 -12.37
N ILE A 58 -0.97 7.24 -11.12
CA ILE A 58 -0.17 6.07 -10.83
CA ILE A 58 -0.16 6.07 -10.80
C ILE A 58 -1.13 4.91 -10.76
N VAL A 59 -1.05 4.02 -11.76
CA VAL A 59 -2.04 2.95 -11.92
C VAL A 59 -1.30 1.64 -11.65
N THR A 60 -1.73 0.88 -10.63
CA THR A 60 -0.98 -0.30 -10.18
CA THR A 60 -0.98 -0.30 -10.20
C THR A 60 -1.96 -1.46 -10.09
N VAL A 61 -1.47 -2.67 -10.35
CA VAL A 61 -2.20 -3.89 -9.97
C VAL A 61 -1.43 -4.53 -8.81
N VAL A 62 -2.16 -4.91 -7.76
CA VAL A 62 -1.53 -5.48 -6.59
C VAL A 62 -2.10 -6.88 -6.42
N GLY A 63 -1.20 -7.87 -6.24
CA GLY A 63 -1.59 -9.28 -6.12
C GLY A 63 -1.45 -9.76 -4.68
N GLY A 64 -1.05 -11.02 -4.48
CA GLY A 64 -0.97 -11.53 -3.10
C GLY A 64 -0.35 -12.90 -3.24
N PRO A 65 -0.08 -13.52 -2.11
CA PRO A 65 -0.33 -13.02 -0.78
C PRO A 65 0.68 -11.94 -0.33
N ASN A 66 0.23 -10.99 0.43
CA ASN A 66 1.11 -10.11 1.18
C ASN A 66 0.32 -9.68 2.40
N HIS A 67 0.93 -9.81 3.56
CA HIS A 67 0.42 -9.16 4.77
C HIS A 67 1.47 -8.14 5.20
N ARG A 68 1.07 -7.16 5.98
CA ARG A 68 2.03 -6.12 6.29
C ARG A 68 1.53 -5.37 7.49
N THR A 69 2.47 -4.69 8.18
CA THR A 69 2.17 -4.10 9.46
C THR A 69 2.18 -2.59 9.42
N ASP A 70 2.62 -1.97 8.32
CA ASP A 70 2.61 -0.53 8.30
C ASP A 70 1.24 -0.01 7.91
N TYR A 71 0.91 1.16 8.43
CA TYR A 71 -0.19 2.00 7.97
C TYR A 71 0.32 3.12 7.05
N HIS A 72 -0.33 3.29 5.90
CA HIS A 72 -0.01 4.35 4.95
C HIS A 72 -0.87 5.57 5.24
N ASP A 73 -0.26 6.74 5.27
CA ASP A 73 -0.93 8.05 5.41
C ASP A 73 -0.67 8.79 4.10
N ASP A 74 -1.62 8.73 3.19
CA ASP A 74 -1.46 9.27 1.86
C ASP A 74 -2.13 10.63 1.84
N PRO A 75 -1.42 11.68 1.43
CA PRO A 75 -1.98 13.01 1.44
C PRO A 75 -3.03 13.23 0.35
N LEU A 76 -3.18 12.29 -0.57
CA LEU A 76 -4.21 12.31 -1.63
C LEU A 76 -5.08 11.06 -1.60
N GLU A 77 -6.12 11.03 -2.46
CA GLU A 77 -7.09 9.92 -2.48
C GLU A 77 -6.49 8.69 -3.10
N GLU A 78 -7.07 7.53 -2.76
CA GLU A 78 -6.70 6.27 -3.43
C GLU A 78 -7.97 5.56 -3.85
N PHE A 79 -7.98 5.15 -5.10
CA PHE A 79 -9.07 4.36 -5.69
C PHE A 79 -8.72 2.89 -5.79
N PHE A 80 -9.67 2.02 -5.41
CA PHE A 80 -9.46 0.59 -5.35
C PHE A 80 -10.56 -0.08 -6.14
N TYR A 81 -10.20 -1.10 -6.92
CA TYR A 81 -11.20 -1.91 -7.59
C TYR A 81 -10.67 -3.34 -7.51
N GLN A 82 -11.25 -4.15 -6.63
CA GLN A 82 -10.74 -5.51 -6.39
C GLN A 82 -11.25 -6.41 -7.51
N LEU A 83 -10.44 -6.63 -8.52
CA LEU A 83 -10.89 -7.34 -9.72
C LEU A 83 -11.00 -8.83 -9.50
N ARG A 84 -10.04 -9.42 -8.79
CA ARG A 84 -9.95 -10.87 -8.60
C ARG A 84 -9.67 -11.15 -7.13
N GLY A 85 -10.39 -12.13 -6.54
CA GLY A 85 -10.06 -12.52 -5.17
C GLY A 85 -10.49 -11.43 -4.21
N ASN A 86 -10.15 -11.63 -2.91
CA ASN A 86 -10.59 -10.80 -1.82
C ASN A 86 -9.39 -10.24 -1.05
N ALA A 87 -9.58 -9.08 -0.45
CA ALA A 87 -8.50 -8.51 0.34
C ALA A 87 -9.17 -7.64 1.38
N TYR A 88 -8.40 -7.02 2.27
CA TYR A 88 -9.07 -6.04 3.12
C TYR A 88 -8.09 -4.99 3.58
N LEU A 89 -8.64 -3.93 4.11
CA LEU A 89 -7.81 -2.83 4.59
C LEU A 89 -8.01 -2.68 6.09
N ASN A 90 -6.93 -2.83 6.90
CA ASN A 90 -6.99 -2.32 8.28
C ASN A 90 -6.88 -0.82 8.28
N LEU A 91 -7.78 -0.15 9.01
CA LEU A 91 -7.93 1.28 8.99
C LEU A 91 -7.83 1.82 10.43
N TRP A 92 -7.50 3.11 10.55
CA TRP A 92 -7.89 3.92 11.71
C TRP A 92 -8.99 4.87 11.27
N VAL A 93 -10.20 4.65 11.80
CA VAL A 93 -11.40 5.44 11.55
C VAL A 93 -11.82 6.03 12.90
N ASP A 94 -11.90 7.36 12.98
CA ASP A 94 -12.46 8.06 14.15
C ASP A 94 -11.81 7.59 15.47
N GLY A 95 -10.49 7.28 15.44
CA GLY A 95 -9.74 6.89 16.60
C GLY A 95 -9.74 5.42 16.92
N ARG A 96 -10.42 4.57 16.12
CA ARG A 96 -10.59 3.15 16.44
C ARG A 96 -10.14 2.28 15.25
N ARG A 97 -9.57 1.10 15.54
CA ARG A 97 -9.22 0.15 14.48
C ARG A 97 -10.46 -0.39 13.78
N GLU A 98 -10.48 -0.32 12.46
CA GLU A 98 -11.61 -0.83 11.73
C GLU A 98 -11.09 -1.57 10.51
N ARG A 99 -11.97 -2.31 9.90
CA ARG A 99 -11.59 -3.11 8.77
C ARG A 99 -12.54 -2.75 7.65
N ALA A 100 -12.00 -2.55 6.43
CA ALA A 100 -12.85 -2.31 5.27
C ALA A 100 -12.58 -3.47 4.33
N ASP A 101 -13.58 -4.31 4.07
CA ASP A 101 -13.37 -5.47 3.21
C ASP A 101 -13.42 -5.11 1.74
N LEU A 102 -12.47 -5.64 0.96
CA LEU A 102 -12.44 -5.48 -0.50
C LEU A 102 -12.73 -6.85 -1.08
N LYS A 103 -14.03 -7.15 -1.16
CA LYS A 103 -14.46 -8.39 -1.75
C LYS A 103 -14.34 -8.31 -3.24
N GLU A 104 -14.17 -9.46 -3.85
CA GLU A 104 -14.09 -9.49 -5.29
C GLU A 104 -15.27 -8.74 -5.90
N GLY A 105 -14.94 -7.76 -6.79
CA GLY A 105 -15.93 -6.91 -7.44
C GLY A 105 -16.12 -5.58 -6.78
N ASP A 106 -15.56 -5.36 -5.59
CA ASP A 106 -15.82 -4.12 -4.84
C ASP A 106 -14.98 -2.97 -5.41
N ILE A 107 -15.53 -1.74 -5.38
CA ILE A 107 -14.74 -0.52 -5.58
C ILE A 107 -14.83 0.31 -4.31
N PHE A 108 -13.88 1.24 -4.16
CA PHE A 108 -13.78 1.98 -2.89
C PHE A 108 -12.92 3.20 -3.15
N LEU A 109 -13.23 4.35 -2.55
CA LEU A 109 -12.43 5.53 -2.68
C LEU A 109 -12.04 5.93 -1.27
N LEU A 110 -10.76 5.92 -0.98
CA LEU A 110 -10.23 6.29 0.36
C LEU A 110 -9.94 7.78 0.41
N PRO A 111 -10.45 8.52 1.39
CA PRO A 111 -10.12 9.93 1.48
C PRO A 111 -8.66 10.12 1.89
N PRO A 112 -8.13 11.30 1.63
CA PRO A 112 -6.75 11.63 2.08
C PRO A 112 -6.58 11.44 3.59
N HIS A 113 -5.43 10.90 3.95
CA HIS A 113 -4.89 10.82 5.32
C HIS A 113 -5.56 9.76 6.17
N VAL A 114 -6.52 9.00 5.64
CA VAL A 114 -7.02 7.87 6.41
C VAL A 114 -5.94 6.80 6.46
N ARG A 115 -5.49 6.44 7.68
CA ARG A 115 -4.45 5.45 7.82
C ARG A 115 -4.94 4.09 7.33
N HIS A 116 -4.17 3.45 6.45
CA HIS A 116 -4.64 2.17 5.94
C HIS A 116 -3.49 1.19 5.77
N SER A 117 -3.75 -0.06 6.13
CA SER A 117 -2.79 -1.15 6.01
C SER A 117 -3.41 -2.27 5.18
N PRO A 118 -3.06 -2.41 3.90
CA PRO A 118 -3.71 -3.43 3.06
C PRO A 118 -3.22 -4.82 3.40
N GLN A 119 -4.18 -5.73 3.51
CA GLN A 119 -3.92 -7.14 3.73
C GLN A 119 -4.46 -7.94 2.55
N ARG A 120 -3.64 -8.80 1.99
CA ARG A 120 -3.95 -9.44 0.73
C ARG A 120 -3.62 -10.92 0.88
N PRO A 121 -4.48 -11.67 1.56
CA PRO A 121 -4.16 -13.08 1.91
C PRO A 121 -4.13 -14.02 0.71
N GLU A 122 -4.79 -13.71 -0.40
CA GLU A 122 -5.05 -14.74 -1.42
C GLU A 122 -4.07 -14.66 -2.58
N ALA A 123 -3.48 -15.80 -2.95
CA ALA A 123 -2.76 -15.93 -4.21
C ALA A 123 -3.73 -15.75 -5.36
N GLY A 124 -3.23 -15.27 -6.53
CA GLY A 124 -4.09 -15.04 -7.67
C GLY A 124 -5.03 -13.85 -7.53
N SER A 125 -4.97 -13.09 -6.43
CA SER A 125 -5.87 -11.95 -6.34
C SER A 125 -5.25 -10.80 -7.13
N ALA A 126 -6.10 -9.84 -7.53
CA ALA A 126 -5.59 -8.67 -8.25
C ALA A 126 -6.49 -7.47 -7.98
N CYS A 127 -5.90 -6.36 -7.56
CA CYS A 127 -6.66 -5.19 -7.22
C CYS A 127 -6.09 -4.05 -8.05
N LEU A 128 -6.95 -3.34 -8.76
CA LEU A 128 -6.56 -2.11 -9.46
C LEU A 128 -6.48 -1.01 -8.42
N VAL A 129 -5.35 -0.30 -8.32
CA VAL A 129 -5.26 0.80 -7.37
C VAL A 129 -4.79 2.02 -8.14
N ILE A 130 -5.49 3.13 -8.01
CA ILE A 130 -5.12 4.34 -8.74
C ILE A 130 -4.87 5.44 -7.73
N GLU A 131 -3.73 6.08 -7.86
CA GLU A 131 -3.34 7.18 -7.01
C GLU A 131 -2.79 8.26 -7.94
N ARG A 132 -2.44 9.39 -7.34
CA ARG A 132 -1.88 10.55 -8.03
C ARG A 132 -0.40 10.73 -7.63
N GLN A 133 0.46 11.14 -8.60
CA GLN A 133 1.79 11.63 -8.26
C GLN A 133 1.69 12.76 -7.23
N ARG A 134 2.51 12.68 -6.11
CA ARG A 134 2.43 13.76 -5.14
C ARG A 134 3.32 14.93 -5.59
N PRO A 135 2.84 16.16 -5.51
CA PRO A 135 3.69 17.31 -5.85
C PRO A 135 4.80 17.48 -4.83
N ALA A 136 5.84 18.18 -5.24
CA ALA A 136 6.98 18.43 -4.36
C ALA A 136 6.49 19.06 -3.07
N GLY A 137 6.93 18.54 -1.94
CA GLY A 137 6.53 19.08 -0.67
C GLY A 137 5.32 18.43 -0.04
N MET A 138 4.59 17.59 -0.76
CA MET A 138 3.45 16.92 -0.16
C MET A 138 3.92 15.52 0.20
N LEU A 139 4.07 15.20 1.48
CA LEU A 139 4.80 14.00 1.84
C LEU A 139 3.83 12.87 2.20
N ASP A 140 4.27 11.64 2.01
CA ASP A 140 3.57 10.46 2.50
C ASP A 140 4.09 10.10 3.86
N GLY A 141 3.22 9.53 4.69
CA GLY A 141 3.65 8.97 5.97
C GLY A 141 3.53 7.46 5.97
N PHE A 142 4.44 6.79 6.61
CA PHE A 142 4.24 5.38 6.95
C PHE A 142 4.41 5.20 8.45
N GLU A 143 3.43 4.51 9.09
CA GLU A 143 3.26 4.50 10.54
C GLU A 143 3.13 3.06 11.04
N TRP A 144 3.62 2.81 12.27
CA TRP A 144 3.32 1.56 12.98
C TRP A 144 2.72 1.87 14.34
N TYR A 145 1.79 1.04 14.78
CA TYR A 145 1.03 1.25 16.00
C TYR A 145 1.27 0.08 16.96
N CYS A 146 1.21 0.36 18.27
CA CYS A 146 1.48 -0.64 19.31
C CYS A 146 0.30 -1.59 19.43
N ASP A 147 0.54 -2.90 19.28
CA ASP A 147 -0.50 -3.91 19.45
C ASP A 147 -1.10 -3.89 20.85
N ALA A 148 -0.32 -3.45 21.83
CA ALA A 148 -0.69 -3.53 23.23
C ALA A 148 -1.52 -2.33 23.60
N CYS A 149 -0.97 -1.13 23.43
CA CYS A 149 -1.67 0.07 23.85
C CYS A 149 -2.22 0.92 22.72
N GLY A 150 -1.91 0.59 21.47
CA GLY A 150 -2.46 1.34 20.37
C GLY A 150 -1.80 2.69 20.08
N HIS A 151 -0.85 3.13 20.89
CA HIS A 151 -0.15 4.37 20.62
C HIS A 151 0.69 4.26 19.33
N LEU A 152 0.97 5.40 18.72
CA LEU A 152 1.91 5.40 17.57
C LEU A 152 3.31 5.03 18.05
N VAL A 153 3.93 4.09 17.36
CA VAL A 153 5.28 3.65 17.69
C VAL A 153 6.34 4.36 16.85
N HIS A 154 6.06 4.61 15.58
CA HIS A 154 7.09 5.19 14.73
C HIS A 154 6.44 5.65 13.45
N ARG A 155 6.81 6.85 12.98
CA ARG A 155 6.36 7.38 11.69
C ARG A 155 7.55 7.87 10.88
N VAL A 156 7.56 7.54 9.59
CA VAL A 156 8.55 8.09 8.67
C VAL A 156 7.76 8.83 7.60
N GLU A 157 8.19 10.04 7.24
CA GLU A 157 7.58 10.76 6.11
C GLU A 157 8.57 10.82 4.94
N VAL A 158 8.07 10.67 3.72
CA VAL A 158 8.90 10.43 2.57
C VAL A 158 8.27 11.22 1.41
N GLN A 159 9.11 11.85 0.59
CA GLN A 159 8.67 12.42 -0.70
C GLN A 159 8.67 11.27 -1.65
N LEU A 160 7.50 10.78 -1.99
CA LEU A 160 7.39 9.48 -2.63
C LEU A 160 7.49 9.69 -4.14
N LYS A 161 8.49 9.08 -4.73
CA LYS A 161 8.75 9.09 -6.14
C LYS A 161 8.46 7.74 -6.77
N SER A 162 8.66 6.63 -6.04
CA SER A 162 8.47 5.28 -6.54
C SER A 162 8.28 4.32 -5.38
N ILE A 163 7.25 3.46 -5.44
CA ILE A 163 7.09 2.42 -4.43
C ILE A 163 8.06 1.25 -4.67
N VAL A 164 9.26 1.57 -5.19
CA VAL A 164 10.26 0.53 -5.43
C VAL A 164 11.61 1.02 -4.91
N THR A 165 11.93 2.30 -5.15
CA THR A 165 13.20 2.86 -4.71
C THR A 165 13.17 3.42 -3.26
N ASP A 166 12.06 4.06 -2.88
CA ASP A 166 12.03 4.82 -1.63
C ASP A 166 11.38 4.08 -0.46
N LEU A 167 10.74 2.91 -0.72
CA LEU A 167 9.84 2.26 0.23
C LEU A 167 10.43 1.04 0.94
N PRO A 168 11.08 0.09 0.27
CA PRO A 168 11.58 -1.07 0.98
C PRO A 168 12.60 -0.72 2.05
N PRO A 169 13.59 0.16 1.77
CA PRO A 169 14.57 0.46 2.83
C PRO A 169 13.91 1.10 4.04
N LEU A 170 12.87 1.89 3.81
CA LEU A 170 12.10 2.47 4.91
C LEU A 170 11.55 1.38 5.83
N PHE A 171 10.80 0.42 5.28
CA PHE A 171 10.32 -0.71 6.07
C PHE A 171 11.46 -1.52 6.69
N GLU A 172 12.52 -1.81 5.92
CA GLU A 172 13.62 -2.60 6.43
C GLU A 172 14.28 -1.93 7.61
N SER A 173 14.41 -0.58 7.58
CA SER A 173 15.09 0.09 8.72
C SER A 173 14.26 0.01 10.00
N PHE A 174 12.93 -0.01 9.88
CA PHE A 174 12.07 -0.22 11.04
C PHE A 174 12.24 -1.64 11.60
N TYR A 175 12.14 -2.67 10.75
CA TYR A 175 12.36 -4.03 11.24
C TYR A 175 13.71 -4.17 11.90
N ALA A 176 14.74 -3.50 11.35
CA ALA A 176 16.07 -3.71 11.89
C ALA A 176 16.32 -3.02 13.22
N SER A 177 15.41 -2.17 13.70
CA SER A 177 15.73 -1.30 14.84
C SER A 177 14.79 -1.52 16.01
N GLU A 178 15.31 -2.14 17.06
CA GLU A 178 14.54 -2.24 18.30
C GLU A 178 14.14 -0.87 18.80
N ASP A 179 15.00 0.15 18.65
CA ASP A 179 14.64 1.50 19.10
CA ASP A 179 14.63 1.48 19.12
C ASP A 179 13.45 2.04 18.32
N LYS A 180 13.48 1.92 16.99
CA LYS A 180 12.33 2.41 16.22
C LYS A 180 11.05 1.66 16.62
N ARG A 181 11.18 0.37 16.88
CA ARG A 181 10.01 -0.45 17.18
C ARG A 181 9.49 -0.28 18.61
N ARG A 182 10.12 0.55 19.46
CA ARG A 182 9.78 0.51 20.90
C ARG A 182 8.65 1.48 21.17
N CYS A 183 7.56 0.98 21.69
CA CYS A 183 6.43 1.86 21.98
C CYS A 183 6.81 2.92 23.01
N PRO A 184 6.61 4.21 22.70
CA PRO A 184 6.93 5.26 23.71
C PRO A 184 5.98 5.27 24.85
N HIS A 185 4.80 4.70 24.71
CA HIS A 185 3.83 4.79 25.79
C HIS A 185 4.00 3.68 26.82
N CYS A 186 4.07 2.44 26.38
CA CYS A 186 4.09 1.30 27.25
C CYS A 186 5.40 0.52 27.18
N GLY A 187 6.34 0.90 26.30
CA GLY A 187 7.62 0.23 26.21
C GLY A 187 7.65 -1.08 25.45
N GLN A 188 6.51 -1.64 25.05
CA GLN A 188 6.50 -2.87 24.29
C GLN A 188 7.17 -2.71 22.93
N VAL A 189 8.04 -3.65 22.55
CA VAL A 189 8.75 -3.59 21.28
C VAL A 189 7.87 -4.23 20.18
N HIS A 190 7.44 -3.42 19.20
CA HIS A 190 6.65 -3.93 18.08
C HIS A 190 7.34 -5.13 17.41
N PRO A 191 6.58 -6.11 16.93
CA PRO A 191 7.20 -7.31 16.35
C PRO A 191 7.99 -7.10 15.05
N GLY A 192 7.77 -6.03 14.31
CA GLY A 192 8.58 -5.88 13.13
C GLY A 192 7.86 -6.25 11.84
N ARG A 193 8.34 -7.33 11.19
CA ARG A 193 7.89 -7.66 9.83
C ARG A 193 6.50 -8.32 9.83
N ALA A 194 6.32 -9.40 10.61
CA ALA A 194 5.07 -10.15 10.64
C ALA A 194 4.38 -9.96 12.00
N ALA A 195 3.11 -9.53 11.96
CA ALA A 195 2.30 -9.23 13.16
C ALA A 195 2.40 -10.32 14.24
C TRS B . 10.23 5.64 18.97
C1 TRS B . 10.39 6.39 17.65
C2 TRS B . 11.53 5.72 19.79
C3 TRS B . 9.05 6.21 19.76
N TRS B . 10.05 4.20 18.64
O1 TRS B . 11.29 5.62 16.90
O2 TRS B . 11.58 4.63 20.71
O3 TRS B . 9.35 7.53 20.16
FE FE2 C . -1.93 3.74 0.23
FE FE2 D . 2.31 0.53 23.62
O3 2FO E . -3.54 -1.83 -1.81
C6 2FO E . -2.30 -2.03 -1.75
O4 2FO E . -1.85 -3.18 -1.39
C2 2FO E . -1.39 -0.84 -2.17
C2 2FO E . -1.34 -0.83 -2.07
C 2FO E . -1.84 0.57 -1.75
C1 2FO E . -1.14 1.82 -1.02
O1 2FO E . -1.25 1.51 0.24
O 2FO E . -0.70 3.09 -1.54
N 2FO E . -3.05 0.84 -1.93
C3 2FO E . -0.35 -1.17 -2.89
C3 2FO E . -0.16 -1.10 -2.56
C4 2FO E . 0.76 -0.22 -3.49
C4 2FO E . 0.82 0.06 -2.89
C5 2FO E . 0.52 1.04 -3.92
C5 2FO E . 0.86 0.58 -4.15
O2 2FO E . -0.72 1.69 -3.87
O2 2FO E . 0.06 0.14 -5.20
#